data_6HQT
#
_entry.id   6HQT
#
_cell.length_a   103.900
_cell.length_b   103.900
_cell.length_c   115.580
_cell.angle_alpha   90.00
_cell.angle_beta   90.00
_cell.angle_gamma   90.00
#
_symmetry.space_group_name_H-M   'P 43 21 2'
#
loop_
_entity.id
_entity.type
_entity.pdbx_description
1 polymer 'Cytochrome P450'
2 non-polymer 'PROTOPORPHYRIN IX CONTAINING FE'
3 non-polymer 2,6-dimethoxyphenol
4 water water
#
_entity_poly.entity_id   1
_entity_poly.type   'polypeptide(L)'
_entity_poly.pdbx_seq_one_letter_code
;MTTTERPDLAWLDEVTMTQLERNPYEVYERLRAEAPLAFVPVLGSYVASTAEVCREVATSPDFEAVITPAGGRTFGHPAI
IGVNGDIHADLRSMVEPALQPAEVDRWIDDLVRPIARRYLERFENDGHAELVAQYCEPVSVRSLGDLLGLQEVDSDKLRE
WFAKLNRSVTNAAVDENGEFANPEGFAEGDQAKAEIRAVVDPLIDKWIEHPDDSAISHWLHDGMPPGQTRDREYIYPTIY
VYLLGAMQEPGHGMASTLVGLFSRPEQLEEVVDDPTLIPRAIAEGLRWTSPIWSATARISTKPVTIAGVDLPAGTPVMLS
YGSANHDTGKYEAPSQYDLHRPPLPHLAFGAGNHACAGIYFANHVMRIALEELFEAIPNLERDTREGVEFWGWGFRGPTS
LHVTWEV
;
_entity_poly.pdbx_strand_id   A
#
loop_
_chem_comp.id
_chem_comp.type
_chem_comp.name
_chem_comp.formula
3DM non-polymer 2,6-dimethoxyphenol 'C8 H10 O3'
HEM non-polymer 'PROTOPORPHYRIN IX CONTAINING FE' 'C34 H32 Fe N4 O4'
#
# COMPACT_ATOMS: atom_id res chain seq x y z
N ARG A 6 -5.03 5.46 -30.11
CA ARG A 6 -5.99 6.57 -30.03
C ARG A 6 -5.31 7.89 -30.40
N PRO A 7 -5.71 8.46 -31.54
CA PRO A 7 -4.91 9.56 -32.12
C PRO A 7 -4.73 10.77 -31.21
N ASP A 8 -5.81 11.26 -30.59
CA ASP A 8 -5.68 12.50 -29.81
C ASP A 8 -4.84 12.31 -28.55
N LEU A 9 -4.57 11.06 -28.17
CA LEU A 9 -3.69 10.77 -27.03
C LEU A 9 -2.28 10.39 -27.46
N ALA A 10 -1.85 10.81 -28.65
CA ALA A 10 -0.50 10.48 -29.10
C ALA A 10 0.57 10.95 -28.12
N TRP A 11 0.28 11.98 -27.31
CA TRP A 11 1.25 12.48 -26.34
C TRP A 11 1.62 11.43 -25.30
N LEU A 12 0.71 10.47 -25.05
CA LEU A 12 1.00 9.40 -24.10
C LEU A 12 2.15 8.52 -24.55
N ASP A 13 2.45 8.51 -25.85
CA ASP A 13 3.60 7.75 -26.34
C ASP A 13 4.91 8.29 -25.76
N GLU A 14 4.95 9.55 -25.35
CA GLU A 14 6.17 10.17 -24.84
C GLU A 14 6.24 10.19 -23.32
N VAL A 15 5.26 9.61 -22.64
CA VAL A 15 5.29 9.53 -21.18
C VAL A 15 6.26 8.42 -20.79
N THR A 16 7.13 8.70 -19.82
CA THR A 16 8.13 7.72 -19.42
C THR A 16 7.83 7.16 -18.04
N MET A 17 8.44 6.00 -17.76
CA MET A 17 8.30 5.40 -16.44
C MET A 17 8.89 6.30 -15.36
N THR A 18 10.05 6.91 -15.63
CA THR A 18 10.67 7.79 -14.64
C THR A 18 9.78 8.97 -14.32
N GLN A 19 9.12 9.54 -15.34
CA GLN A 19 8.20 10.65 -15.10
C GLN A 19 7.08 10.24 -14.17
N LEU A 20 6.48 9.07 -14.42
CA LEU A 20 5.38 8.61 -13.57
C LEU A 20 5.86 8.31 -12.16
N GLU A 21 7.07 7.77 -12.02
CA GLU A 21 7.61 7.50 -10.69
C GLU A 21 7.86 8.80 -9.92
N ARG A 22 8.31 9.61 -10.55
CA ARG A 22 8.68 10.88 -9.95
C ARG A 22 7.47 11.71 -9.62
N ASN A 23 6.62 11.92 -10.40
CA ASN A 23 5.37 12.60 -10.17
C ASN A 23 4.33 12.26 -11.20
N PRO A 24 3.40 11.38 -10.87
CA PRO A 24 2.41 10.96 -11.87
C PRO A 24 1.23 11.93 -11.99
N TYR A 25 1.14 12.94 -11.13
CA TYR A 25 -0.11 13.70 -11.02
C TYR A 25 -0.38 14.58 -12.23
N GLU A 26 0.66 15.08 -12.90
CA GLU A 26 0.41 15.94 -14.06
C GLU A 26 -0.17 15.14 -15.21
N VAL A 27 0.43 13.97 -15.49
CA VAL A 27 -0.10 13.12 -16.56
C VAL A 27 -1.51 12.66 -16.22
N TYR A 28 -1.74 12.28 -14.96
CA TYR A 28 -3.05 11.74 -14.61
C TYR A 28 -4.10 12.86 -14.56
N GLU A 29 -3.72 14.09 -14.30
CA GLU A 29 -4.70 15.18 -14.42
C GLU A 29 -5.19 15.28 -15.86
N ARG A 30 -4.28 15.14 -16.83
CA ARG A 30 -4.67 15.11 -18.24
C ARG A 30 -5.56 13.91 -18.54
N LEU A 31 -5.18 12.73 -18.03
CA LEU A 31 -5.99 11.54 -18.27
C LEU A 31 -7.40 11.69 -17.73
N ARG A 32 -7.54 12.23 -16.52
CA ARG A 32 -8.88 12.37 -15.96
C ARG A 32 -9.76 13.27 -16.83
N ALA A 33 -9.16 14.25 -17.50
CA ALA A 33 -9.94 15.13 -18.37
C ALA A 33 -10.09 14.58 -19.78
N GLU A 34 -9.05 13.95 -20.32
CA GLU A 34 -9.06 13.53 -21.72
C GLU A 34 -9.63 12.14 -21.92
N ALA A 35 -9.34 11.22 -21.00
CA ALA A 35 -9.63 9.81 -21.24
C ALA A 35 -9.57 9.06 -19.92
N PRO A 36 -10.67 9.08 -19.15
CA PRO A 36 -10.69 8.42 -17.83
C PRO A 36 -10.30 6.95 -17.88
N LEU A 37 -10.46 6.31 -19.04
CA LEU A 37 -9.92 4.98 -19.31
C LEU A 37 -9.01 5.12 -20.54
N ALA A 38 -7.71 4.89 -20.36
CA ALA A 38 -6.75 5.16 -21.42
C ALA A 38 -5.63 4.12 -21.42
N PHE A 39 -5.19 3.75 -22.61
CA PHE A 39 -4.05 2.84 -22.75
C PHE A 39 -2.76 3.65 -22.65
N VAL A 40 -1.92 3.33 -21.67
CA VAL A 40 -0.67 4.05 -21.44
C VAL A 40 0.47 3.18 -21.97
N PRO A 41 1.11 3.55 -23.08
CA PRO A 41 2.06 2.62 -23.74
C PRO A 41 3.20 2.13 -22.85
N VAL A 42 3.85 3.02 -22.06
CA VAL A 42 4.99 2.55 -21.26
C VAL A 42 4.53 1.54 -20.21
N LEU A 43 3.27 1.61 -19.76
CA LEU A 43 2.74 0.64 -18.81
C LEU A 43 2.18 -0.60 -19.48
N GLY A 44 1.96 -0.56 -20.79
CA GLY A 44 1.43 -1.70 -21.51
C GLY A 44 0.02 -2.09 -21.13
N SER A 45 -0.78 -1.12 -20.67
CA SER A 45 -2.07 -1.47 -20.11
C SER A 45 -3.01 -0.27 -20.16
N TYR A 46 -4.30 -0.55 -20.25
CA TYR A 46 -5.30 0.46 -19.91
C TYR A 46 -5.16 0.85 -18.44
N VAL A 47 -5.42 2.13 -18.15
CA VAL A 47 -5.45 2.61 -16.78
C VAL A 47 -6.74 3.39 -16.56
N ALA A 48 -7.32 3.22 -15.38
CA ALA A 48 -8.51 3.96 -14.93
C ALA A 48 -8.01 5.09 -14.03
N SER A 49 -8.36 6.34 -14.37
CA SER A 49 -7.81 7.48 -13.65
C SER A 49 -8.82 8.23 -12.79
N THR A 50 -10.12 8.09 -13.04
CA THR A 50 -11.11 8.85 -12.29
C THR A 50 -11.75 7.97 -11.22
N ALA A 51 -12.38 8.64 -10.24
CA ALA A 51 -13.09 7.89 -9.19
C ALA A 51 -14.21 7.04 -9.76
N GLU A 52 -15.00 7.60 -10.70
CA GLU A 52 -16.13 6.85 -11.25
C GLU A 52 -15.66 5.59 -11.98
N VAL A 53 -14.62 5.70 -12.81
CA VAL A 53 -14.15 4.55 -13.57
C VAL A 53 -13.46 3.53 -12.66
N CYS A 54 -12.61 4.00 -11.73
CA CYS A 54 -11.98 3.06 -10.79
C CYS A 54 -13.03 2.29 -10.01
N ARG A 55 -14.04 2.98 -9.49
CA ARG A 55 -15.05 2.30 -8.70
C ARG A 55 -15.86 1.33 -9.56
N GLU A 56 -16.21 1.74 -10.79
CA GLU A 56 -16.99 0.87 -11.66
C GLU A 56 -16.23 -0.40 -11.99
N VAL A 57 -14.97 -0.27 -12.38
CA VAL A 57 -14.17 -1.45 -12.72
C VAL A 57 -13.97 -2.34 -11.50
N ALA A 58 -13.66 -1.73 -10.35
CA ALA A 58 -13.37 -2.52 -9.14
C ALA A 58 -14.58 -3.28 -8.62
N THR A 59 -15.80 -2.83 -8.95
CA THR A 59 -17.01 -3.47 -8.44
C THR A 59 -17.86 -4.10 -9.53
N SER A 60 -17.39 -4.13 -10.76
CA SER A 60 -18.22 -4.60 -11.86
C SER A 60 -18.31 -6.13 -11.86
N PRO A 61 -19.49 -6.69 -12.11
CA PRO A 61 -19.57 -8.15 -12.27
C PRO A 61 -18.92 -8.65 -13.54
N ASP A 62 -18.59 -7.75 -14.46
CA ASP A 62 -17.95 -8.12 -15.71
C ASP A 62 -16.43 -8.04 -15.64
N PHE A 63 -15.87 -7.79 -14.46
CA PHE A 63 -14.43 -7.78 -14.22
C PHE A 63 -14.09 -8.73 -13.06
N GLU A 64 -12.87 -9.22 -13.05
CA GLU A 64 -12.35 -9.99 -11.92
C GLU A 64 -10.92 -9.53 -11.66
N ALA A 65 -10.32 -9.98 -10.56
CA ALA A 65 -8.97 -9.51 -10.26
C ALA A 65 -7.98 -10.07 -11.26
N VAL A 66 -6.94 -9.28 -11.53
CA VAL A 66 -5.75 -9.75 -12.26
C VAL A 66 -4.57 -9.05 -11.64
N ILE A 67 -3.43 -9.74 -11.57
CA ILE A 67 -2.24 -9.09 -11.04
C ILE A 67 -1.61 -8.28 -12.16
N THR A 68 -0.98 -7.12 -11.82
CA THR A 68 -0.26 -6.40 -12.86
C THR A 68 0.85 -7.29 -13.41
N PRO A 69 1.31 -7.03 -14.64
CA PRO A 69 2.33 -7.92 -15.22
C PRO A 69 3.59 -8.05 -14.37
N ALA A 70 4.15 -6.93 -13.90
CA ALA A 70 5.36 -7.03 -13.06
C ALA A 70 5.03 -7.58 -11.68
N GLY A 71 3.83 -7.33 -11.19
CA GLY A 71 3.40 -7.97 -9.96
C GLY A 71 3.37 -9.48 -10.07
N GLY A 72 2.86 -10.00 -11.19
CA GLY A 72 2.83 -11.44 -11.38
C GLY A 72 4.22 -12.03 -11.55
N ARG A 73 5.10 -11.35 -12.29
CA ARG A 73 6.49 -11.79 -12.41
C ARG A 73 7.14 -11.92 -11.04
N THR A 74 6.74 -11.06 -10.10
CA THR A 74 7.36 -11.07 -8.77
C THR A 74 6.71 -12.10 -7.85
N PHE A 75 5.38 -12.11 -7.76
CA PHE A 75 4.67 -12.88 -6.75
C PHE A 75 4.28 -14.29 -7.20
N GLY A 76 4.07 -14.51 -8.51
CA GLY A 76 3.56 -15.80 -8.94
C GLY A 76 2.11 -16.01 -8.54
N HIS A 77 1.76 -17.28 -8.32
CA HIS A 77 0.40 -17.75 -8.07
C HIS A 77 0.39 -18.59 -6.81
N PRO A 78 -0.66 -18.53 -5.96
CA PRO A 78 -1.86 -17.68 -6.04
C PRO A 78 -1.73 -16.46 -5.11
N ALA A 79 -1.32 -15.33 -5.66
CA ALA A 79 -1.33 -14.11 -4.86
C ALA A 79 -2.78 -13.72 -4.62
N ILE A 80 -3.11 -13.40 -3.36
CA ILE A 80 -4.51 -13.12 -3.03
C ILE A 80 -5.06 -12.01 -3.93
N ILE A 81 -4.21 -11.05 -4.32
CA ILE A 81 -4.64 -9.95 -5.17
C ILE A 81 -4.92 -10.37 -6.60
N GLY A 82 -4.48 -11.55 -7.02
CA GLY A 82 -4.53 -11.89 -8.42
C GLY A 82 -5.43 -13.06 -8.76
N VAL A 83 -6.18 -13.58 -7.80
CA VAL A 83 -6.98 -14.78 -8.03
C VAL A 83 -8.43 -14.48 -7.67
N ASN A 84 -9.31 -15.43 -8.03
CA ASN A 84 -10.75 -15.23 -7.94
C ASN A 84 -11.42 -16.54 -7.53
N GLY A 85 -12.74 -16.52 -7.46
CA GLY A 85 -13.46 -17.79 -7.28
C GLY A 85 -13.13 -18.48 -5.97
N ASP A 86 -13.05 -19.81 -6.02
CA ASP A 86 -12.86 -20.59 -4.80
C ASP A 86 -11.50 -20.32 -4.14
N ILE A 87 -10.45 -20.14 -4.94
CA ILE A 87 -9.13 -19.89 -4.35
C ILE A 87 -9.13 -18.57 -3.61
N HIS A 88 -9.70 -17.52 -4.22
CA HIS A 88 -9.78 -16.23 -3.54
C HIS A 88 -10.58 -16.34 -2.25
N ALA A 89 -11.72 -17.05 -2.30
CA ALA A 89 -12.53 -17.21 -1.10
C ALA A 89 -11.75 -17.89 0.01
N ASP A 90 -10.97 -18.92 -0.34
CA ASP A 90 -10.16 -19.58 0.68
C ASP A 90 -9.10 -18.65 1.24
N LEU A 91 -8.38 -17.94 0.36
CA LEU A 91 -7.33 -17.04 0.83
C LEU A 91 -7.91 -15.90 1.67
N ARG A 92 -9.07 -15.38 1.29
CA ARG A 92 -9.72 -14.39 2.15
C ARG A 92 -10.08 -14.99 3.50
N SER A 93 -10.65 -16.20 3.51
CA SER A 93 -10.98 -16.81 4.81
C SER A 93 -9.71 -17.07 5.62
N MET A 94 -8.61 -17.33 4.93
CA MET A 94 -7.33 -17.55 5.59
C MET A 94 -6.82 -16.28 6.30
N VAL A 95 -6.86 -15.13 5.62
CA VAL A 95 -6.26 -13.93 6.22
C VAL A 95 -7.21 -13.17 7.16
N GLU A 96 -8.52 -13.38 7.04
CA GLU A 96 -9.44 -12.47 7.71
C GLU A 96 -9.52 -12.59 9.24
N PRO A 97 -9.28 -13.75 9.88
CA PRO A 97 -9.48 -13.82 11.35
C PRO A 97 -8.77 -12.75 12.17
N ALA A 98 -7.46 -12.58 11.98
CA ALA A 98 -6.73 -11.61 12.77
C ALA A 98 -7.05 -10.16 12.38
N LEU A 99 -7.73 -9.97 11.24
CA LEU A 99 -8.08 -8.63 10.78
C LEU A 99 -9.49 -8.22 11.18
N GLN A 100 -10.25 -9.11 11.79
CA GLN A 100 -11.62 -8.79 12.18
C GLN A 100 -11.62 -7.64 13.19
N PRO A 101 -12.49 -6.64 13.04
CA PRO A 101 -12.45 -5.48 13.96
C PRO A 101 -12.53 -5.86 15.42
N ALA A 102 -13.44 -6.78 15.79
CA ALA A 102 -13.56 -7.18 17.19
C ALA A 102 -12.26 -7.81 17.68
N GLU A 103 -11.56 -8.52 16.80
CA GLU A 103 -10.30 -9.15 17.17
C GLU A 103 -9.18 -8.11 17.28
N VAL A 104 -9.06 -7.22 16.29
CA VAL A 104 -8.05 -6.15 16.35
C VAL A 104 -8.19 -5.34 17.63
N ASP A 105 -9.42 -4.99 18.00
CA ASP A 105 -9.63 -4.16 19.18
C ASP A 105 -9.22 -4.85 20.47
N ARG A 106 -9.10 -6.18 20.47
CA ARG A 106 -8.68 -6.89 21.68
C ARG A 106 -7.22 -6.62 22.00
N TRP A 107 -6.35 -6.50 20.99
CA TRP A 107 -4.92 -6.49 21.26
C TRP A 107 -4.12 -5.41 20.54
N ILE A 108 -4.75 -4.54 19.74
CA ILE A 108 -3.95 -3.65 18.90
C ILE A 108 -3.18 -2.63 19.74
N ASP A 109 -3.75 -2.20 20.87
CA ASP A 109 -3.06 -1.21 21.69
C ASP A 109 -1.81 -1.80 22.34
N ASP A 110 -1.93 -2.99 22.93
CA ASP A 110 -0.77 -3.65 23.52
C ASP A 110 0.25 -4.07 22.48
N LEU A 111 -0.15 -4.20 21.21
CA LEU A 111 0.83 -4.49 20.17
C LEU A 111 1.59 -3.23 19.74
N VAL A 112 0.85 -2.20 19.31
CA VAL A 112 1.52 -1.10 18.62
C VAL A 112 2.12 -0.11 19.60
N ARG A 113 1.42 0.19 20.70
CA ARG A 113 1.90 1.27 21.58
C ARG A 113 3.28 1.00 22.17
N PRO A 114 3.59 -0.20 22.70
CA PRO A 114 4.98 -0.46 23.15
C PRO A 114 6.00 -0.37 22.03
N ILE A 115 5.63 -0.76 20.81
CA ILE A 115 6.54 -0.69 19.68
C ILE A 115 6.85 0.75 19.33
N ALA A 116 5.81 1.58 19.24
CA ALA A 116 5.98 3.01 19.02
C ALA A 116 6.90 3.63 20.07
N ARG A 117 6.65 3.34 21.35
CA ARG A 117 7.49 3.91 22.41
C ARG A 117 8.94 3.47 22.25
N ARG A 118 9.16 2.21 21.87
CA ARG A 118 10.53 1.70 21.76
C ARG A 118 11.33 2.45 20.70
N TYR A 119 10.71 2.68 19.53
CA TYR A 119 11.41 3.42 18.49
C TYR A 119 11.55 4.90 18.85
N LEU A 120 10.51 5.48 19.49
CA LEU A 120 10.63 6.87 19.92
C LEU A 120 11.76 7.06 20.92
N GLU A 121 11.93 6.11 21.85
CA GLU A 121 12.95 6.26 22.88
C GLU A 121 14.34 6.38 22.29
N ARG A 122 14.55 5.90 21.06
CA ARG A 122 15.87 5.98 20.45
C ARG A 122 16.23 7.40 20.00
N PHE A 123 15.25 8.28 19.78
CA PHE A 123 15.58 9.60 19.24
C PHE A 123 14.82 10.78 19.83
N GLU A 124 13.86 10.56 20.73
CA GLU A 124 12.94 11.63 21.12
C GLU A 124 13.62 12.77 21.85
N ASN A 125 14.87 12.59 22.30
CA ASN A 125 15.58 13.66 22.97
C ASN A 125 16.68 14.25 22.09
N ASP A 126 16.73 13.87 20.81
CA ASP A 126 17.82 14.29 19.94
C ASP A 126 17.63 15.70 19.40
N GLY A 127 16.38 16.13 19.20
CA GLY A 127 16.11 17.38 18.53
C GLY A 127 16.07 17.29 17.02
N HIS A 128 16.30 16.11 16.45
CA HIS A 128 16.32 15.92 15.01
C HIS A 128 16.07 14.45 14.74
N ALA A 129 15.43 14.17 13.60
CA ALA A 129 15.18 12.79 13.20
C ALA A 129 14.75 12.79 11.74
N GLU A 130 14.88 11.63 11.12
CA GLU A 130 14.38 11.36 9.79
C GLU A 130 13.27 10.33 10.02
N LEU A 131 12.02 10.78 10.00
CA LEU A 131 10.94 9.99 10.56
C LEU A 131 10.59 8.78 9.70
N VAL A 132 10.91 8.79 8.41
CA VAL A 132 10.56 7.62 7.60
C VAL A 132 11.36 6.40 8.06
N ALA A 133 12.69 6.55 8.11
CA ALA A 133 13.54 5.43 8.48
C ALA A 133 13.55 5.17 9.98
N GLN A 134 13.41 6.22 10.80
CA GLN A 134 13.58 6.06 12.23
C GLN A 134 12.28 5.75 12.97
N TYR A 135 11.13 5.97 12.34
CA TYR A 135 9.88 5.82 13.07
C TYR A 135 8.76 5.16 12.26
N CYS A 136 8.39 5.77 11.13
CA CYS A 136 7.19 5.32 10.43
C CYS A 136 7.35 3.90 9.88
N GLU A 137 8.44 3.65 9.15
CA GLU A 137 8.63 2.29 8.64
C GLU A 137 8.87 1.29 9.77
N PRO A 138 9.75 1.53 10.75
CA PRO A 138 9.93 0.53 11.82
C PRO A 138 8.65 0.17 12.58
N VAL A 139 7.83 1.16 12.95
CA VAL A 139 6.60 0.84 13.67
C VAL A 139 5.70 -0.02 12.80
N SER A 140 5.60 0.34 11.52
CA SER A 140 4.74 -0.40 10.59
C SER A 140 5.19 -1.86 10.48
N VAL A 141 6.49 -2.09 10.23
CA VAL A 141 6.92 -3.46 9.98
C VAL A 141 7.01 -4.26 11.27
N ARG A 142 7.42 -3.64 12.39
CA ARG A 142 7.54 -4.37 13.64
C ARG A 142 6.17 -4.80 14.16
N SER A 143 5.17 -3.95 13.98
CA SER A 143 3.81 -4.31 14.41
C SER A 143 3.29 -5.50 13.62
N LEU A 144 3.33 -5.42 12.29
CA LEU A 144 2.86 -6.52 11.46
C LEU A 144 3.74 -7.75 11.58
N GLY A 145 5.06 -7.56 11.59
CA GLY A 145 5.98 -8.68 11.75
C GLY A 145 5.69 -9.51 12.99
N ASP A 146 5.45 -8.84 14.12
CA ASP A 146 5.11 -9.57 15.33
C ASP A 146 3.78 -10.29 15.18
N LEU A 147 2.78 -9.63 14.59
CA LEU A 147 1.49 -10.28 14.39
C LEU A 147 1.62 -11.54 13.54
N LEU A 148 2.47 -11.49 12.52
CA LEU A 148 2.62 -12.62 11.60
C LEU A 148 3.39 -13.78 12.21
N GLY A 149 4.22 -13.53 13.22
CA GLY A 149 5.12 -14.54 13.75
C GLY A 149 6.57 -14.36 13.35
N LEU A 150 6.92 -13.20 12.79
CA LEU A 150 8.28 -12.89 12.37
C LEU A 150 8.99 -12.03 13.42
N GLN A 151 8.77 -12.32 14.71
CA GLN A 151 9.36 -11.51 15.77
C GLN A 151 10.87 -11.44 15.66
N GLU A 152 11.50 -12.48 15.14
CA GLU A 152 12.96 -12.53 15.11
C GLU A 152 13.55 -11.96 13.83
N VAL A 153 12.72 -11.49 12.90
CA VAL A 153 13.20 -10.80 11.71
C VAL A 153 13.29 -9.32 12.05
N ASP A 154 14.50 -8.75 12.00
CA ASP A 154 14.73 -7.39 12.43
C ASP A 154 14.00 -6.40 11.52
N SER A 155 13.63 -5.25 12.09
CA SER A 155 12.88 -4.26 11.33
C SER A 155 13.67 -3.77 10.12
N ASP A 156 15.00 -3.69 10.24
CA ASP A 156 15.83 -3.30 9.10
C ASP A 156 15.66 -4.27 7.93
N LYS A 157 15.53 -5.57 8.24
CA LYS A 157 15.40 -6.57 7.19
C LYS A 157 14.00 -6.55 6.57
N LEU A 158 12.97 -6.38 7.39
CA LEU A 158 11.61 -6.26 6.86
C LEU A 158 11.50 -5.05 5.94
N ARG A 159 12.16 -3.94 6.30
CA ARG A 159 12.13 -2.74 5.47
C ARG A 159 12.87 -2.97 4.16
N GLU A 160 14.02 -3.65 4.20
CA GLU A 160 14.74 -3.96 2.97
C GLU A 160 13.91 -4.84 2.04
N TRP A 161 13.23 -5.84 2.59
CA TRP A 161 12.42 -6.73 1.77
C TRP A 161 11.28 -5.96 1.08
N PHE A 162 10.56 -5.11 1.81
CA PHE A 162 9.45 -4.46 1.12
C PHE A 162 9.97 -3.45 0.10
N ALA A 163 11.15 -2.88 0.33
CA ALA A 163 11.70 -1.97 -0.67
C ALA A 163 12.08 -2.71 -1.96
N LYS A 164 12.73 -3.87 -1.83
CA LYS A 164 13.08 -4.65 -3.02
C LYS A 164 11.83 -5.19 -3.72
N LEU A 165 10.85 -5.68 -2.95
CA LEU A 165 9.62 -6.16 -3.55
C LEU A 165 8.88 -5.03 -4.26
N ASN A 166 8.88 -3.84 -3.65
CA ASN A 166 8.27 -2.66 -4.27
C ASN A 166 8.85 -2.44 -5.67
N ARG A 167 10.18 -2.39 -5.74
CA ARG A 167 10.83 -2.07 -7.01
C ARG A 167 10.58 -3.14 -8.06
N SER A 168 10.52 -4.41 -7.63
CA SER A 168 10.27 -5.49 -8.57
C SER A 168 8.83 -5.46 -9.09
N VAL A 169 7.87 -5.33 -8.16
CA VAL A 169 6.45 -5.30 -8.52
C VAL A 169 6.11 -4.10 -9.39
N THR A 170 6.78 -2.97 -9.21
CA THR A 170 6.49 -1.78 -9.99
C THR A 170 7.45 -1.60 -11.16
N ASN A 171 8.21 -2.64 -11.50
CA ASN A 171 9.12 -2.63 -12.64
C ASN A 171 8.32 -2.82 -13.94
N ALA A 172 7.39 -1.89 -14.16
CA ALA A 172 6.29 -2.10 -15.11
C ALA A 172 6.63 -1.68 -16.54
N ALA A 173 7.75 -0.99 -16.77
CA ALA A 173 7.95 -0.38 -18.08
C ALA A 173 8.08 -1.44 -19.17
N VAL A 174 7.40 -1.20 -20.29
CA VAL A 174 7.52 -2.11 -21.42
C VAL A 174 8.03 -1.34 -22.63
N ASP A 175 8.66 -2.07 -23.55
CA ASP A 175 9.26 -1.46 -24.72
C ASP A 175 8.26 -1.48 -25.87
N GLU A 176 8.72 -1.14 -27.07
CA GLU A 176 7.87 -1.02 -28.25
C GLU A 176 7.21 -2.35 -28.63
N ASN A 177 7.72 -3.48 -28.13
CA ASN A 177 7.16 -4.78 -28.45
C ASN A 177 6.31 -5.35 -27.31
N GLY A 178 5.99 -4.56 -26.29
CA GLY A 178 5.25 -5.06 -25.16
C GLY A 178 6.06 -5.90 -24.19
N GLU A 179 7.37 -6.00 -24.38
CA GLU A 179 8.23 -6.75 -23.49
C GLU A 179 8.73 -5.87 -22.36
N PHE A 180 8.97 -6.47 -21.20
CA PHE A 180 9.53 -5.69 -20.10
C PHE A 180 10.83 -5.04 -20.56
N ALA A 181 10.92 -3.73 -20.35
CA ALA A 181 12.09 -2.98 -20.79
C ALA A 181 13.30 -3.18 -19.89
N ASN A 182 13.08 -3.57 -18.63
CA ASN A 182 14.13 -3.63 -17.62
C ASN A 182 14.09 -4.97 -16.90
N PRO A 183 14.33 -6.07 -17.63
CA PRO A 183 14.18 -7.40 -17.00
C PRO A 183 15.14 -7.62 -15.85
N GLU A 184 16.28 -6.94 -15.85
CA GLU A 184 17.18 -7.06 -14.71
C GLU A 184 16.57 -6.50 -13.43
N GLY A 185 15.54 -5.66 -13.54
CA GLY A 185 14.94 -5.10 -12.34
C GLY A 185 14.13 -6.09 -11.52
N PHE A 186 13.88 -7.28 -12.04
CA PHE A 186 13.21 -8.30 -11.25
C PHE A 186 14.17 -9.07 -10.34
N ALA A 187 15.48 -8.93 -10.58
CA ALA A 187 16.46 -9.77 -9.88
C ALA A 187 16.44 -9.51 -8.38
N GLU A 188 16.27 -8.25 -7.96
CA GLU A 188 16.26 -8.02 -6.52
C GLU A 188 14.95 -8.46 -5.87
N GLY A 189 13.86 -8.50 -6.64
CA GLY A 189 12.68 -9.22 -6.18
C GLY A 189 12.96 -10.70 -5.94
N ASP A 190 13.59 -11.36 -6.93
CA ASP A 190 13.94 -12.77 -6.77
C ASP A 190 14.87 -13.00 -5.59
N GLN A 191 15.80 -12.08 -5.38
CA GLN A 191 16.73 -12.26 -4.25
C GLN A 191 16.04 -12.04 -2.92
N ALA A 192 15.12 -11.07 -2.84
CA ALA A 192 14.33 -10.91 -1.62
C ALA A 192 13.53 -12.18 -1.31
N LYS A 193 12.85 -12.73 -2.32
CA LYS A 193 12.11 -13.97 -2.13
C LYS A 193 13.01 -15.11 -1.66
N ALA A 194 14.23 -15.20 -2.20
CA ALA A 194 15.13 -16.28 -1.77
C ALA A 194 15.49 -16.12 -0.31
N GLU A 195 15.75 -14.88 0.12
CA GLU A 195 16.05 -14.62 1.53
C GLU A 195 14.84 -14.90 2.41
N ILE A 196 13.65 -14.50 1.96
CA ILE A 196 12.44 -14.76 2.72
C ILE A 196 12.25 -16.26 2.92
N ARG A 197 12.47 -17.04 1.86
CA ARG A 197 12.34 -18.50 1.97
C ARG A 197 13.30 -19.06 3.02
N ALA A 198 14.54 -18.58 3.02
CA ALA A 198 15.53 -19.13 3.95
C ALA A 198 15.13 -18.85 5.39
N VAL A 199 14.48 -17.70 5.64
CA VAL A 199 14.06 -17.33 6.98
C VAL A 199 12.74 -18.00 7.35
N VAL A 200 11.78 -18.04 6.43
CA VAL A 200 10.41 -18.41 6.79
C VAL A 200 10.16 -19.91 6.69
N ASP A 201 10.87 -20.61 5.79
CA ASP A 201 10.69 -22.05 5.69
C ASP A 201 10.92 -22.76 7.04
N PRO A 202 11.98 -22.46 7.81
CA PRO A 202 12.09 -23.11 9.14
C PRO A 202 10.97 -22.73 10.09
N LEU A 203 10.43 -21.52 9.97
CA LEU A 203 9.30 -21.14 10.82
C LEU A 203 8.05 -21.94 10.45
N ILE A 204 7.80 -22.10 9.15
CA ILE A 204 6.68 -22.93 8.71
C ILE A 204 6.87 -24.39 9.15
N ASP A 205 8.10 -24.91 9.03
CA ASP A 205 8.39 -26.26 9.52
C ASP A 205 7.91 -26.41 10.96
N LYS A 206 8.24 -25.42 11.79
CA LYS A 206 7.92 -25.50 13.22
C LYS A 206 6.42 -25.35 13.45
N TRP A 207 5.79 -24.39 12.76
CA TRP A 207 4.35 -24.14 12.96
C TRP A 207 3.50 -25.33 12.53
N ILE A 208 3.91 -26.05 11.49
CA ILE A 208 3.15 -27.23 11.08
C ILE A 208 3.02 -28.22 12.23
N GLU A 209 4.13 -28.44 12.96
CA GLU A 209 4.13 -29.38 14.06
C GLU A 209 3.69 -28.77 15.37
N HIS A 210 3.94 -27.47 15.58
CA HIS A 210 3.69 -26.78 16.84
C HIS A 210 2.99 -25.47 16.54
N PRO A 211 1.68 -25.51 16.26
CA PRO A 211 0.95 -24.27 15.99
C PRO A 211 0.99 -23.33 17.19
N ASP A 212 0.96 -22.04 16.92
CA ASP A 212 0.92 -21.03 17.97
C ASP A 212 -0.04 -19.93 17.54
N ASP A 213 0.00 -18.80 18.22
CA ASP A 213 -0.98 -17.74 17.93
C ASP A 213 -0.53 -16.79 16.83
N SER A 214 0.61 -17.05 16.19
CA SER A 214 1.07 -16.21 15.08
C SER A 214 0.12 -16.34 13.90
N ALA A 215 -0.02 -15.25 13.13
CA ALA A 215 -0.97 -15.27 12.03
C ALA A 215 -0.60 -16.32 10.98
N ILE A 216 0.70 -16.46 10.67
CA ILE A 216 1.07 -17.42 9.62
C ILE A 216 0.80 -18.85 10.09
N SER A 217 0.99 -19.13 11.37
CA SER A 217 0.61 -20.45 11.87
C SER A 217 -0.89 -20.69 11.67
N HIS A 218 -1.71 -19.66 11.89
CA HIS A 218 -3.14 -19.80 11.65
C HIS A 218 -3.44 -19.92 10.16
N TRP A 219 -2.64 -19.29 9.30
CA TRP A 219 -2.86 -19.47 7.86
C TRP A 219 -2.64 -20.92 7.46
N LEU A 220 -1.67 -21.58 8.11
CA LEU A 220 -1.41 -22.99 7.82
C LEU A 220 -2.54 -23.87 8.31
N HIS A 221 -3.09 -23.59 9.50
CA HIS A 221 -3.94 -24.55 10.20
C HIS A 221 -5.43 -24.25 10.13
N ASP A 222 -5.82 -22.98 10.00
CA ASP A 222 -7.23 -22.62 10.16
C ASP A 222 -8.08 -23.28 9.07
N GLY A 223 -9.22 -23.83 9.50
CA GLY A 223 -10.18 -24.39 8.58
C GLY A 223 -9.73 -25.65 7.88
N MET A 224 -8.66 -26.28 8.35
CA MET A 224 -8.14 -27.46 7.69
C MET A 224 -8.58 -28.71 8.43
N PRO A 225 -8.67 -29.85 7.73
CA PRO A 225 -8.97 -31.12 8.41
C PRO A 225 -7.92 -31.43 9.45
N PRO A 226 -8.21 -32.35 10.38
CA PRO A 226 -7.23 -32.65 11.44
C PRO A 226 -5.90 -33.14 10.88
N GLY A 227 -4.82 -32.59 11.42
CA GLY A 227 -3.48 -32.96 11.01
C GLY A 227 -3.03 -32.43 9.66
N GLN A 228 -3.86 -31.63 8.97
CA GLN A 228 -3.50 -31.08 7.67
C GLN A 228 -3.17 -29.58 7.79
N THR A 229 -2.31 -29.11 6.90
CA THR A 229 -2.00 -27.69 6.76
C THR A 229 -2.04 -27.29 5.29
N ARG A 230 -2.35 -26.02 5.03
CA ARG A 230 -2.20 -25.50 3.68
C ARG A 230 -0.76 -25.69 3.22
N ASP A 231 -0.59 -26.10 1.96
CA ASP A 231 0.74 -26.24 1.40
C ASP A 231 1.47 -24.91 1.44
N ARG A 232 2.75 -24.92 1.81
CA ARG A 232 3.45 -23.63 1.87
C ARG A 232 3.53 -22.95 0.51
N GLU A 233 3.60 -23.70 -0.59
CA GLU A 233 3.62 -23.04 -1.90
C GLU A 233 2.30 -22.33 -2.18
N TYR A 234 1.22 -22.81 -1.58
CA TYR A 234 -0.08 -22.19 -1.75
C TYR A 234 -0.18 -20.86 -0.99
N ILE A 235 0.52 -20.72 0.14
CA ILE A 235 0.41 -19.48 0.92
C ILE A 235 1.57 -18.50 0.70
N TYR A 236 2.70 -18.95 0.14
CA TYR A 236 3.82 -18.03 0.02
C TYR A 236 3.52 -16.77 -0.77
N PRO A 237 2.82 -16.82 -1.91
CA PRO A 237 2.54 -15.56 -2.64
C PRO A 237 1.75 -14.54 -1.84
N THR A 238 0.82 -14.98 -0.98
CA THR A 238 0.15 -14.04 -0.09
C THR A 238 1.08 -13.57 1.03
N ILE A 239 2.01 -14.42 1.49
CA ILE A 239 3.05 -13.91 2.37
C ILE A 239 3.82 -12.77 1.69
N TYR A 240 4.18 -12.93 0.41
CA TYR A 240 4.88 -11.86 -0.30
C TYR A 240 4.02 -10.60 -0.43
N VAL A 241 2.73 -10.78 -0.72
CA VAL A 241 1.81 -9.64 -0.74
C VAL A 241 1.90 -8.89 0.58
N TYR A 242 1.91 -9.61 1.70
CA TYR A 242 2.02 -8.95 2.99
C TYR A 242 3.38 -8.28 3.16
N LEU A 243 4.46 -8.97 2.77
CA LEU A 243 5.79 -8.44 3.01
C LEU A 243 6.12 -7.24 2.13
N LEU A 244 5.27 -6.95 1.15
CA LEU A 244 5.35 -5.70 0.40
C LEU A 244 4.36 -4.70 1.01
N GLY A 245 3.12 -4.70 0.53
CA GLY A 245 2.19 -3.63 0.88
C GLY A 245 1.75 -3.60 2.34
N ALA A 246 1.46 -4.76 2.95
CA ALA A 246 1.02 -4.68 4.34
C ALA A 246 2.12 -4.16 5.24
N MET A 247 3.40 -4.47 4.92
CA MET A 247 4.54 -3.95 5.67
C MET A 247 4.78 -2.47 5.36
N GLN A 248 4.62 -2.08 4.10
CA GLN A 248 5.04 -0.76 3.65
C GLN A 248 3.98 0.32 3.88
N GLU A 249 2.71 0.00 3.66
CA GLU A 249 1.72 1.06 3.49
C GLU A 249 1.36 1.82 4.77
N PRO A 250 1.21 1.18 5.94
CA PRO A 250 0.92 2.00 7.14
C PRO A 250 2.01 3.02 7.42
N GLY A 251 3.28 2.63 7.26
CA GLY A 251 4.36 3.60 7.42
C GLY A 251 4.27 4.74 6.42
N HIS A 252 3.92 4.43 5.16
CA HIS A 252 3.80 5.48 4.17
C HIS A 252 2.58 6.37 4.45
N GLY A 253 1.48 5.78 4.89
CA GLY A 253 0.31 6.58 5.24
C GLY A 253 0.58 7.52 6.40
N MET A 254 1.24 7.03 7.44
CA MET A 254 1.71 7.87 8.54
C MET A 254 2.53 9.04 8.02
N ALA A 255 3.53 8.74 7.21
CA ALA A 255 4.47 9.77 6.79
C ALA A 255 3.80 10.78 5.89
N SER A 256 2.97 10.33 4.93
CA SER A 256 2.28 11.28 4.06
C SER A 256 1.33 12.16 4.87
N THR A 257 0.66 11.58 5.86
CA THR A 257 -0.19 12.38 6.74
C THR A 257 0.62 13.47 7.45
N LEU A 258 1.80 13.12 7.95
CA LEU A 258 2.64 14.11 8.61
C LEU A 258 3.09 15.20 7.64
N VAL A 259 3.48 14.82 6.42
CA VAL A 259 3.89 15.85 5.45
C VAL A 259 2.73 16.78 5.15
N GLY A 260 1.54 16.22 4.95
CA GLY A 260 0.36 17.05 4.74
C GLY A 260 0.09 17.99 5.90
N LEU A 261 0.15 17.47 7.13
CA LEU A 261 -0.07 18.32 8.29
C LEU A 261 0.99 19.41 8.39
N PHE A 262 2.25 19.07 8.11
CA PHE A 262 3.30 20.10 8.13
C PHE A 262 3.02 21.19 7.11
N SER A 263 2.42 20.83 5.97
CA SER A 263 2.06 21.81 4.94
C SER A 263 0.94 22.75 5.38
N ARG A 264 0.18 22.38 6.42
CA ARG A 264 -0.88 23.22 6.99
C ARG A 264 -0.57 23.39 8.48
N PRO A 265 0.35 24.29 8.83
CA PRO A 265 0.83 24.35 10.23
C PRO A 265 -0.26 24.56 11.26
N GLU A 266 -1.28 25.35 10.93
CA GLU A 266 -2.39 25.54 11.85
C GLU A 266 -3.14 24.22 12.09
N GLN A 267 -3.15 23.33 11.10
CA GLN A 267 -3.82 22.06 11.28
C GLN A 267 -2.96 21.07 12.07
N LEU A 268 -1.64 21.10 11.87
CA LEU A 268 -0.76 20.31 12.73
C LEU A 268 -0.97 20.68 14.19
N GLU A 269 -1.06 21.99 14.48
CA GLU A 269 -1.29 22.43 15.85
C GLU A 269 -2.63 21.91 16.38
N GLU A 270 -3.67 21.95 15.56
CA GLU A 270 -4.98 21.44 15.97
C GLU A 270 -4.90 19.98 16.39
N VAL A 271 -4.19 19.17 15.61
CA VAL A 271 -4.16 17.73 15.85
C VAL A 271 -3.29 17.40 17.06
N VAL A 272 -2.18 18.13 17.24
CA VAL A 272 -1.36 17.92 18.43
C VAL A 272 -2.14 18.29 19.68
N ASP A 273 -2.87 19.41 19.63
CA ASP A 273 -3.70 19.85 20.75
C ASP A 273 -4.86 18.89 21.01
N ASP A 274 -5.40 18.28 19.95
CA ASP A 274 -6.58 17.43 20.05
C ASP A 274 -6.34 16.15 19.26
N PRO A 275 -5.72 15.15 19.89
CA PRO A 275 -5.39 13.92 19.15
C PRO A 275 -6.60 13.09 18.75
N THR A 276 -7.81 13.47 19.17
CA THR A 276 -8.98 12.77 18.63
C THR A 276 -9.18 13.07 17.15
N LEU A 277 -8.48 14.09 16.62
CA LEU A 277 -8.52 14.39 15.19
C LEU A 277 -7.54 13.57 14.37
N ILE A 278 -6.72 12.73 15.00
CA ILE A 278 -5.74 11.93 14.24
C ILE A 278 -6.41 11.03 13.21
N PRO A 279 -7.50 10.32 13.49
CA PRO A 279 -8.12 9.52 12.42
C PRO A 279 -8.57 10.34 11.22
N ARG A 280 -9.18 11.50 11.44
CA ARG A 280 -9.55 12.35 10.30
C ARG A 280 -8.33 12.84 9.54
N ALA A 281 -7.26 13.17 10.26
CA ALA A 281 -6.03 13.61 9.61
C ALA A 281 -5.46 12.52 8.72
N ILE A 282 -5.52 11.28 9.19
CA ILE A 282 -4.98 10.15 8.42
C ILE A 282 -5.85 9.89 7.19
N ALA A 283 -7.17 9.92 7.34
CA ALA A 283 -8.06 9.71 6.19
C ALA A 283 -7.75 10.73 5.08
N GLU A 284 -7.56 11.99 5.44
CA GLU A 284 -7.20 12.98 4.43
C GLU A 284 -5.81 12.70 3.87
N GLY A 285 -4.87 12.28 4.72
CA GLY A 285 -3.54 11.93 4.22
C GLY A 285 -3.58 10.84 3.18
N LEU A 286 -4.39 9.81 3.40
CA LEU A 286 -4.48 8.70 2.44
C LEU A 286 -5.08 9.18 1.12
N ARG A 287 -6.09 10.05 1.16
CA ARG A 287 -6.61 10.62 -0.07
C ARG A 287 -5.56 11.49 -0.74
N TRP A 288 -4.84 12.28 0.06
CA TRP A 288 -3.95 13.31 -0.49
C TRP A 288 -2.75 12.69 -1.21
N THR A 289 -2.13 11.67 -0.62
CA THR A 289 -1.09 10.89 -1.30
C THR A 289 -1.35 9.42 -0.99
N SER A 290 -2.04 8.74 -1.89
CA SER A 290 -2.49 7.38 -1.61
C SER A 290 -1.32 6.40 -1.58
N PRO A 291 -1.13 5.65 -0.48
CA PRO A 291 0.04 4.75 -0.40
C PRO A 291 0.05 3.70 -1.50
N ILE A 292 -1.06 3.02 -1.73
CA ILE A 292 -1.21 2.16 -2.88
C ILE A 292 -1.82 3.04 -3.97
N TRP A 293 -0.97 3.47 -4.91
CA TRP A 293 -1.32 4.51 -5.85
C TRP A 293 -1.83 3.93 -7.16
N SER A 294 -1.17 2.90 -7.66
CA SER A 294 -1.61 2.18 -8.85
C SER A 294 -0.96 0.80 -8.87
N ALA A 295 -1.32 -0.07 -7.93
CA ALA A 295 -0.64 -1.36 -7.80
C ALA A 295 -1.54 -2.55 -8.04
N THR A 296 -2.85 -2.34 -8.26
CA THR A 296 -3.75 -3.45 -8.53
C THR A 296 -4.53 -3.18 -9.80
N ALA A 297 -5.29 -4.19 -10.23
CA ALA A 297 -5.88 -4.19 -11.55
C ALA A 297 -7.05 -5.15 -11.55
N ARG A 298 -7.90 -5.01 -12.57
CA ARG A 298 -8.93 -5.99 -12.85
C ARG A 298 -8.86 -6.33 -14.34
N ILE A 299 -9.50 -7.43 -14.72
CA ILE A 299 -9.53 -7.88 -16.11
C ILE A 299 -10.98 -8.14 -16.49
N SER A 300 -11.37 -7.69 -17.67
CA SER A 300 -12.74 -7.95 -18.13
C SER A 300 -12.91 -9.43 -18.41
N THR A 301 -14.09 -9.96 -18.09
CA THR A 301 -14.41 -11.36 -18.36
C THR A 301 -15.36 -11.52 -19.53
N LYS A 302 -15.85 -10.42 -19.93
CA LYS A 302 -16.49 -10.43 -21.24
C LYS A 302 -16.37 -9.03 -21.81
N PRO A 303 -16.96 -8.81 -23.12
CA PRO A 303 -16.86 -7.48 -23.72
C PRO A 303 -17.67 -6.48 -22.90
N VAL A 304 -17.09 -5.30 -22.69
CA VAL A 304 -17.69 -4.26 -21.88
C VAL A 304 -17.35 -2.91 -22.51
N THR A 305 -18.22 -1.94 -22.28
CA THR A 305 -17.97 -0.55 -22.64
C THR A 305 -17.80 0.24 -21.36
N ILE A 306 -16.63 0.88 -21.20
CA ILE A 306 -16.33 1.68 -20.02
C ILE A 306 -15.78 3.01 -20.48
N ALA A 307 -16.35 4.10 -19.98
CA ALA A 307 -15.93 5.46 -20.34
C ALA A 307 -15.83 5.63 -21.85
N GLY A 308 -16.81 5.07 -22.56
CA GLY A 308 -16.83 5.18 -24.00
C GLY A 308 -15.88 4.27 -24.75
N VAL A 309 -15.12 3.43 -24.05
CA VAL A 309 -14.15 2.53 -24.68
C VAL A 309 -14.77 1.13 -24.73
N ASP A 310 -14.87 0.57 -25.94
CA ASP A 310 -15.32 -0.80 -26.11
C ASP A 310 -14.15 -1.74 -25.83
N LEU A 311 -14.21 -2.46 -24.71
CA LEU A 311 -13.12 -3.37 -24.34
C LEU A 311 -13.48 -4.79 -24.69
N PRO A 312 -12.61 -5.56 -25.34
CA PRO A 312 -12.89 -6.99 -25.50
C PRO A 312 -12.77 -7.69 -24.15
N ALA A 313 -13.29 -8.92 -24.09
CA ALA A 313 -13.03 -9.79 -22.96
C ALA A 313 -11.52 -9.98 -22.82
N GLY A 314 -11.07 -10.21 -21.58
CA GLY A 314 -9.66 -10.39 -21.32
C GLY A 314 -8.81 -9.13 -21.32
N THR A 315 -9.40 -7.96 -21.06
CA THR A 315 -8.65 -6.71 -21.08
C THR A 315 -8.29 -6.28 -19.67
N PRO A 316 -7.01 -6.21 -19.33
CA PRO A 316 -6.61 -5.70 -18.02
C PRO A 316 -6.78 -4.18 -17.93
N VAL A 317 -7.15 -3.73 -16.73
CA VAL A 317 -7.31 -2.30 -16.46
C VAL A 317 -6.63 -2.03 -15.12
N MET A 318 -5.60 -1.20 -15.13
CA MET A 318 -4.93 -0.80 -13.90
C MET A 318 -5.78 0.22 -13.15
N LEU A 319 -5.87 0.06 -11.83
CA LEU A 319 -6.71 0.94 -11.00
C LEU A 319 -5.82 1.96 -10.30
N SER A 320 -5.71 3.15 -10.89
CA SER A 320 -4.83 4.19 -10.35
C SER A 320 -5.61 4.99 -9.31
N TYR A 321 -5.83 4.34 -8.17
CA TYR A 321 -6.60 4.92 -7.09
C TYR A 321 -6.01 6.23 -6.59
N GLY A 322 -4.68 6.37 -6.65
CA GLY A 322 -4.07 7.63 -6.23
C GLY A 322 -4.50 8.80 -7.10
N SER A 323 -4.74 8.55 -8.39
CA SER A 323 -5.31 9.58 -9.25
C SER A 323 -6.78 9.78 -8.96
N ALA A 324 -7.53 8.69 -8.74
CA ALA A 324 -8.95 8.80 -8.44
C ALA A 324 -9.19 9.66 -7.21
N ASN A 325 -8.27 9.62 -6.25
CA ASN A 325 -8.40 10.39 -5.02
C ASN A 325 -8.05 11.85 -5.21
N HIS A 326 -7.66 12.27 -6.42
CA HIS A 326 -7.57 13.69 -6.76
C HIS A 326 -8.61 14.09 -7.79
N ASP A 327 -9.69 13.31 -7.90
CA ASP A 327 -10.73 13.59 -8.88
C ASP A 327 -11.44 14.90 -8.52
N THR A 328 -11.33 15.91 -9.39
CA THR A 328 -11.95 17.20 -9.12
C THR A 328 -13.45 17.19 -9.35
N GLY A 329 -14.00 16.10 -9.88
CA GLY A 329 -15.43 15.88 -9.77
C GLY A 329 -15.89 15.63 -8.35
N LYS A 330 -14.99 15.19 -7.47
CA LYS A 330 -15.30 14.88 -6.09
C LYS A 330 -14.76 15.90 -5.10
N TYR A 331 -13.55 16.42 -5.34
CA TYR A 331 -12.86 17.23 -4.35
C TYR A 331 -12.49 18.60 -4.92
N GLU A 332 -12.47 19.59 -4.04
CA GLU A 332 -11.98 20.93 -4.37
C GLU A 332 -10.51 21.04 -4.01
N ALA A 333 -9.69 21.51 -4.94
CA ALA A 333 -8.25 21.66 -4.77
C ALA A 333 -7.63 20.41 -4.15
N PRO A 334 -7.72 19.25 -4.83
CA PRO A 334 -7.30 18.00 -4.19
C PRO A 334 -5.80 17.90 -3.96
N SER A 335 -4.97 18.70 -4.65
CA SER A 335 -3.55 18.60 -4.37
C SER A 335 -3.15 19.28 -3.08
N GLN A 336 -4.08 19.95 -2.41
CA GLN A 336 -3.84 20.58 -1.12
C GLN A 336 -4.31 19.64 -0.01
N TYR A 337 -3.47 19.44 1.00
CA TYR A 337 -3.89 18.72 2.19
C TYR A 337 -4.84 19.61 3.00
N ASP A 338 -6.00 19.07 3.39
CA ASP A 338 -6.95 19.86 4.17
C ASP A 338 -7.68 18.93 5.13
N LEU A 339 -7.24 18.94 6.39
CA LEU A 339 -7.88 18.21 7.48
C LEU A 339 -9.39 18.48 7.54
N HIS A 340 -9.82 19.67 7.16
CA HIS A 340 -11.20 20.09 7.35
C HIS A 340 -12.08 19.83 6.14
N ARG A 341 -11.56 19.15 5.13
CA ARG A 341 -12.37 18.56 4.08
C ARG A 341 -13.51 17.74 4.72
N PRO A 342 -14.72 17.76 4.15
CA PRO A 342 -15.78 16.89 4.67
C PRO A 342 -15.41 15.44 4.49
N PRO A 343 -15.81 14.58 5.43
CA PRO A 343 -15.37 13.17 5.39
C PRO A 343 -16.01 12.36 4.26
N LEU A 344 -15.57 12.57 3.02
CA LEU A 344 -16.16 11.95 1.85
C LEU A 344 -15.58 10.55 1.62
N PRO A 345 -16.27 9.71 0.86
CA PRO A 345 -15.67 8.43 0.46
C PRO A 345 -14.37 8.65 -0.30
N HIS A 346 -13.44 7.72 -0.10
CA HIS A 346 -12.19 7.74 -0.87
C HIS A 346 -11.87 6.31 -1.29
N LEU A 347 -10.89 6.19 -2.20
CA LEU A 347 -10.55 4.90 -2.78
C LEU A 347 -9.16 4.41 -2.37
N ALA A 348 -8.59 4.96 -1.30
CA ALA A 348 -7.24 4.55 -0.92
C ALA A 348 -7.18 3.09 -0.45
N PHE A 349 -8.31 2.50 -0.10
CA PHE A 349 -8.37 1.08 0.25
C PHE A 349 -9.03 0.25 -0.85
N GLY A 350 -9.23 0.83 -2.03
CA GLY A 350 -9.84 0.08 -3.12
C GLY A 350 -11.34 -0.07 -2.90
N ALA A 351 -11.90 -1.06 -3.60
CA ALA A 351 -13.35 -1.25 -3.61
C ALA A 351 -13.66 -2.65 -4.12
N GLY A 352 -14.87 -3.12 -3.82
CA GLY A 352 -15.31 -4.41 -4.35
C GLY A 352 -14.81 -5.60 -3.54
N ASN A 353 -14.97 -6.78 -4.14
CA ASN A 353 -14.61 -8.04 -3.48
C ASN A 353 -13.12 -8.12 -3.18
N HIS A 354 -12.30 -7.37 -3.89
CA HIS A 354 -10.86 -7.36 -3.67
C HIS A 354 -10.39 -6.10 -2.95
N ALA A 355 -11.30 -5.36 -2.33
CA ALA A 355 -10.91 -4.23 -1.50
C ALA A 355 -9.98 -4.69 -0.38
N CYS A 356 -9.23 -3.73 0.16
CA CYS A 356 -8.29 -4.01 1.25
C CYS A 356 -8.96 -4.80 2.38
N ALA A 357 -8.28 -5.87 2.82
CA ALA A 357 -8.77 -6.70 3.91
C ALA A 357 -8.30 -6.23 5.28
N GLY A 358 -7.33 -5.32 5.34
CA GLY A 358 -6.72 -4.92 6.60
C GLY A 358 -6.95 -3.46 7.00
N ILE A 359 -8.05 -2.85 6.51
CA ILE A 359 -8.30 -1.42 6.74
C ILE A 359 -8.30 -1.10 8.23
N TYR A 360 -9.07 -1.85 9.01
CA TYR A 360 -9.28 -1.53 10.41
C TYR A 360 -7.98 -1.59 11.19
N PHE A 361 -7.21 -2.67 10.95
CA PHE A 361 -5.87 -2.82 11.53
C PHE A 361 -4.94 -1.68 11.08
N ALA A 362 -4.87 -1.43 9.78
CA ALA A 362 -3.98 -0.38 9.25
C ALA A 362 -4.30 0.97 9.88
N ASN A 363 -5.59 1.34 9.93
CA ASN A 363 -5.97 2.63 10.51
C ASN A 363 -5.53 2.75 11.96
N HIS A 364 -5.65 1.66 12.73
CA HIS A 364 -5.23 1.68 14.13
C HIS A 364 -3.73 1.78 14.28
N VAL A 365 -2.96 1.05 13.45
CA VAL A 365 -1.51 1.18 13.49
C VAL A 365 -1.09 2.62 13.27
N MET A 366 -1.64 3.26 12.23
CA MET A 366 -1.26 4.64 11.94
C MET A 366 -1.70 5.58 13.05
N ARG A 367 -2.93 5.41 13.55
CA ARG A 367 -3.43 6.26 14.64
C ARG A 367 -2.55 6.18 15.87
N ILE A 368 -2.26 4.96 16.33
CA ILE A 368 -1.48 4.81 17.56
C ILE A 368 -0.08 5.39 17.38
N ALA A 369 0.51 5.17 16.21
CA ALA A 369 1.85 5.71 15.95
C ALA A 369 1.87 7.22 15.99
N LEU A 370 0.85 7.87 15.41
CA LEU A 370 0.83 9.33 15.46
C LEU A 370 0.50 9.82 16.86
N GLU A 371 -0.38 9.11 17.59
CA GLU A 371 -0.66 9.49 18.96
C GLU A 371 0.61 9.56 19.80
N GLU A 372 1.42 8.50 19.73
CA GLU A 372 2.61 8.42 20.57
C GLU A 372 3.67 9.42 20.13
N LEU A 373 3.78 9.65 18.83
CA LEU A 373 4.74 10.64 18.33
C LEU A 373 4.41 12.03 18.85
N PHE A 374 3.15 12.45 18.75
CA PHE A 374 2.79 13.80 19.19
C PHE A 374 2.85 13.94 20.70
N GLU A 375 2.58 12.85 21.43
CA GLU A 375 2.71 12.90 22.87
C GLU A 375 4.18 13.03 23.28
N ALA A 376 5.07 12.35 22.55
CA ALA A 376 6.49 12.38 22.87
C ALA A 376 7.15 13.68 22.42
N ILE A 377 6.74 14.21 21.27
CA ILE A 377 7.35 15.40 20.69
C ILE A 377 6.27 16.39 20.31
N PRO A 378 5.62 17.04 21.27
CA PRO A 378 4.52 17.95 20.92
C PRO A 378 4.95 19.15 20.11
N ASN A 379 6.23 19.55 20.17
CA ASN A 379 6.73 20.69 19.41
C ASN A 379 7.43 20.26 18.12
N LEU A 380 7.09 19.11 17.60
CA LEU A 380 7.63 18.60 16.34
C LEU A 380 7.45 19.62 15.22
N GLU A 381 8.53 19.86 14.46
CA GLU A 381 8.49 20.76 13.32
C GLU A 381 9.22 20.12 12.15
N ARG A 382 8.77 20.40 10.94
CA ARG A 382 9.51 19.93 9.78
C ARG A 382 10.81 20.71 9.65
N ASP A 383 11.86 20.03 9.23
CA ASP A 383 13.13 20.69 8.96
C ASP A 383 13.05 21.26 7.55
N THR A 384 12.78 22.57 7.45
CA THR A 384 12.56 23.20 6.16
C THR A 384 13.84 23.39 5.37
N ARG A 385 15.01 23.15 5.97
CA ARG A 385 16.24 23.11 5.20
C ARG A 385 16.31 21.90 4.28
N GLU A 386 15.51 20.86 4.54
CA GLU A 386 15.49 19.65 3.73
C GLU A 386 14.19 19.59 2.92
N GLY A 387 14.30 19.17 1.67
CA GLY A 387 13.10 18.95 0.88
C GLY A 387 12.51 17.58 1.15
N VAL A 388 11.21 17.47 0.95
CA VAL A 388 10.53 16.18 0.99
C VAL A 388 10.21 15.80 -0.45
N GLU A 389 10.79 14.70 -0.93
CA GLU A 389 10.44 14.20 -2.25
C GLU A 389 9.57 12.97 -2.08
N PHE A 390 8.51 12.90 -2.87
CA PHE A 390 7.67 11.71 -2.96
C PHE A 390 8.13 10.92 -4.16
N TRP A 391 8.08 9.60 -4.05
CA TRP A 391 8.48 8.75 -5.17
C TRP A 391 7.50 7.59 -5.27
N GLY A 392 7.24 7.17 -6.49
CA GLY A 392 6.47 5.95 -6.69
C GLY A 392 5.23 6.22 -7.52
N TRP A 393 5.02 5.34 -8.50
CA TRP A 393 3.77 5.28 -9.25
C TRP A 393 2.88 4.14 -8.77
N GLY A 394 3.44 2.95 -8.54
CA GLY A 394 2.66 1.85 -8.01
C GLY A 394 2.32 2.04 -6.55
N PHE A 395 3.35 2.23 -5.73
CA PHE A 395 3.25 2.62 -4.34
C PHE A 395 3.93 3.98 -4.19
N ARG A 396 3.28 4.91 -3.50
CA ARG A 396 3.83 6.26 -3.41
C ARG A 396 3.93 6.69 -1.96
N GLY A 397 5.02 7.36 -1.64
CA GLY A 397 5.22 7.92 -0.33
C GLY A 397 6.46 8.78 -0.31
N PRO A 398 6.68 9.49 0.79
CA PRO A 398 7.88 10.34 0.90
C PRO A 398 9.11 9.49 1.20
N THR A 399 10.22 9.85 0.55
CA THR A 399 11.41 9.03 0.72
C THR A 399 12.16 9.37 1.99
N SER A 400 11.91 10.55 2.56
CA SER A 400 12.43 10.93 3.86
C SER A 400 11.51 12.00 4.44
N LEU A 401 11.67 12.24 5.74
CA LEU A 401 10.88 13.27 6.42
C LEU A 401 11.74 13.79 7.58
N HIS A 402 12.62 14.74 7.27
CA HIS A 402 13.49 15.32 8.29
C HIS A 402 12.70 16.29 9.14
N VAL A 403 12.84 16.16 10.47
CA VAL A 403 12.13 17.00 11.42
C VAL A 403 13.11 17.52 12.45
N THR A 404 12.65 18.53 13.19
CA THR A 404 13.43 19.15 14.24
C THR A 404 12.49 19.54 15.37
N TRP A 405 13.04 19.68 16.57
CA TRP A 405 12.26 20.21 17.69
C TRP A 405 13.21 20.76 18.74
N GLU A 406 12.73 21.71 19.51
CA GLU A 406 13.55 22.33 20.55
C GLU A 406 13.70 21.36 21.72
N VAL A 407 14.96 21.06 22.08
CA VAL A 407 15.21 20.14 23.18
C VAL A 407 15.58 20.91 24.44
CHA HEM B . -5.41 -4.86 -0.79
CHB HEM B . -4.62 -0.24 0.51
CHC HEM B . -2.57 -1.83 4.63
CHD HEM B . -4.07 -6.34 3.64
C1A HEM B . -5.32 -3.48 -0.82
C2A HEM B . -5.62 -2.62 -1.95
C3A HEM B . -5.41 -1.36 -1.60
C4A HEM B . -4.96 -1.36 -0.23
CMA HEM B . -5.62 -0.10 -2.47
CAA HEM B . -6.13 -3.10 -3.33
CBA HEM B . -7.65 -3.00 -3.31
CGA HEM B . -8.22 -3.13 -4.69
O1A HEM B . -7.50 -3.61 -5.61
O2A HEM B . -9.40 -2.73 -4.89
C1B HEM B . -3.97 -0.26 1.73
C2B HEM B . -3.50 0.91 2.47
C3B HEM B . -2.93 0.46 3.61
C4B HEM B . -3.04 -1.00 3.63
CMB HEM B . -3.64 2.37 1.97
CAB HEM B . -2.29 1.25 4.77
CBB HEM B . -2.55 2.54 5.02
C1C HEM B . -2.80 -3.18 4.75
C2C HEM B . -2.39 -4.05 5.83
C3C HEM B . -2.81 -5.30 5.53
C4C HEM B . -3.49 -5.25 4.27
CMC HEM B . -1.60 -3.57 7.08
CAC HEM B . -2.69 -6.62 6.33
CBC HEM B . -2.52 -6.68 7.66
C1D HEM B . -4.52 -6.37 2.33
C2D HEM B . -4.93 -7.54 1.56
C3D HEM B . -5.28 -7.10 0.34
C4D HEM B . -5.13 -5.67 0.30
CMD HEM B . -4.91 -9.00 2.07
CAD HEM B . -5.78 -7.96 -0.85
CBD HEM B . -7.32 -8.01 -0.81
CGD HEM B . -7.82 -8.90 -1.93
O1D HEM B . -7.20 -8.83 -3.03
O2D HEM B . -8.83 -9.63 -1.75
NA HEM B . -4.92 -2.67 0.22
NB HEM B . -3.67 -1.39 2.46
NC HEM B . -3.47 -3.94 3.83
ND HEM B . -4.67 -5.26 1.53
FE HEM B . -4.48 -3.27 2.15
O1 3DM C . 1.60 -6.26 -1.70
C1 3DM C . 0.41 -5.67 -2.14
C2 3DM C . -0.57 -5.38 -1.21
O2 3DM C . -0.29 -5.67 0.12
C7 3DM C . -1.38 -5.61 1.00
C3 3DM C . -1.77 -4.81 -1.63
C4 3DM C . -1.97 -4.52 -2.97
C5 3DM C . -0.97 -4.82 -3.90
C6 3DM C . 0.22 -5.39 -3.47
O3 3DM C . 1.27 -5.72 -4.35
C8 3DM C . 1.03 -5.49 -5.71
#